data_1CR3
#
_entry.id   1CR3
#
_cell.length_a   1.000
_cell.length_b   1.000
_cell.length_c   1.000
_cell.angle_alpha   90.00
_cell.angle_beta   90.00
_cell.angle_gamma   90.00
#
_symmetry.space_group_name_H-M   'P 1'
#
loop_
_entity.id
_entity.type
_entity.pdbx_description
1 polymer "DNA (5'-D(*CP*TP*CP*TP*CP*AP*CP*TP*TP*CP*C)-3')"
2 polymer "DNA (5'-D(*GP*GP*AP*AP*GP*TP*GP*AP*GP*AP*G)-3')"
3 non-polymer BENZO[G]CHRYSENE
#
loop_
_entity_poly.entity_id
_entity_poly.type
_entity_poly.pdbx_seq_one_letter_code
_entity_poly.pdbx_strand_id
1 'polydeoxyribonucleotide' (DC)(DT)(DC)(DT)(DC)(DA)(DC)(DT)(DT)(DC)(DC) A
2 'polydeoxyribonucleotide' (DG)(DG)(DA)(DA)(DG)(DT)(DG)(DA)(DG)(DA)(DG) B
#
loop_
_chem_comp.id
_chem_comp.type
_chem_comp.name
_chem_comp.formula
BC non-polymer BENZO[G]CHRYSENE 'C22 H18 O3'
DA DNA linking 2'-DEOXYADENOSINE-5'-MONOPHOSPHATE 'C10 H14 N5 O6 P'
DC DNA linking 2'-DEOXYCYTIDINE-5'-MONOPHOSPHATE 'C9 H14 N3 O7 P'
DG DNA linking 2'-DEOXYGUANOSINE-5'-MONOPHOSPHATE 'C10 H14 N5 O7 P'
DT DNA linking THYMIDINE-5'-MONOPHOSPHATE 'C10 H15 N2 O8 P'
#
# COMPACT_ATOMS: atom_id res chain seq x y z
C1 BC C . 0.64 2.57 -0.21
C2 BC C . 1.44 3.65 -0.53
C3 BC C . 2.76 3.43 -0.84
C4 BC C . 3.28 2.14 -0.78
C4A BC C . 2.47 1.03 -0.43
C4B BC C . 3.02 -0.27 -0.34
C5 BC C . 4.37 -0.51 -0.67
C6 BC C . 4.91 -1.77 -0.64
C7 BC C . 4.16 -2.84 -0.23
C8 BC C . 2.84 -2.66 0.14
C8A BC C . 2.22 -1.38 0.06
C8B BC C . 0.83 -1.19 0.31
C9 BC C . 0.04 -2.28 0.76
C10 BC C . -1.31 -2.15 0.98
CAA BC C . -1.97 -0.97 0.67
C11 BC C . -3.46 -0.99 0.84
O11 BC C . -4.10 -1.97 0.02
C12 BC C . -4.01 0.36 0.61
O12 BC C . -3.72 1.30 1.65
C13 BC C . -3.55 0.79 -0.72
O13 BC C . -4.38 1.84 -1.20
C14 BC C . -2.10 1.15 -0.64
CEA BC C . -1.24 0.16 0.20
CEB BC C . 0.21 0.10 0.11
CEC BC C . 1.07 1.22 -0.17
H1 BC C . -0.37 2.83 0.02
H2 BC C . 1.01 4.64 -0.55
H3 BC C . 3.38 4.28 -1.11
H4 BC C . 4.34 2.03 -0.99
H5 BC C . 5.04 0.27 -0.96
H6 BC C . 5.89 -1.94 -0.95
H7 BC C . 4.64 -3.79 -0.26
H8 BC C . 2.31 -3.56 0.43
H9 BC C . 0.50 -3.24 0.95
H10 BC C . -1.95 -2.94 1.34
H11 BC C . -3.79 -1.20 1.85
HO11 BC C . -5.00 -2.02 0.32
H12 BC C . -5.06 0.21 0.60
HO12 BC C . -4.05 2.14 1.34
H13 BC C . -3.69 -0.09 -1.36
HO13 BC C . -3.80 2.45 -1.65
H142 BC C . -2.06 2.10 -0.08
C1 BC C . 0.72 2.51 -0.34
C2 BC C . 1.49 3.62 -0.67
C3 BC C . 2.83 3.44 -0.96
C4 BC C . 3.39 2.17 -0.87
C4A BC C . 2.61 1.03 -0.50
C4B BC C . 3.19 -0.24 -0.39
C5 BC C . 4.56 -0.44 -0.68
C6 BC C . 5.13 -1.69 -0.63
C7 BC C . 4.41 -2.77 -0.22
C8 BC C . 3.08 -2.63 0.13
C8A BC C . 2.42 -1.37 0.02
C8B BC C . 1.01 -1.22 0.23
C9 BC C . 0.24 -2.34 0.66
C10 BC C . -1.12 -2.23 0.85
CAA BC C . -1.80 -1.07 0.53
C11 BC C . -3.30 -1.11 0.68
O11 BC C . -3.91 -2.14 -0.11
C12 BC C . -3.87 0.21 0.42
O12 BC C . -3.63 1.18 1.45
C13 BC C . -3.40 0.63 -0.91
O13 BC C . -4.25 1.64 -1.45
C14 BC C . -1.97 1.03 -0.80
CEA BC C . -1.09 0.07 0.06
CEB BC C . 0.36 0.04 0.01
CEC BC C . 1.20 1.18 -0.28
H1 BC C . -0.31 2.73 -0.13
H2 BC C . 1.03 4.59 -0.73
H3 BC C . 3.42 4.29 -1.26
H4 BC C . 4.45 2.08 -1.07
H5 BC C . 5.21 0.36 -0.97
H6 BC C . 6.14 -1.83 -0.93
H7 BC C . 4.92 -3.70 -0.23
H8 BC C . 2.57 -3.54 0.41
H9 BC C . 0.73 -3.29 0.86
H10 BC C . -1.74 -3.04 1.19
H11 BC C . -3.61 -1.32 1.70
HO11 BC C . -4.83 -2.15 0.14
H12 BC C . -4.93 0.03 0.41
HO12 BC C . -3.93 2.01 1.09
H13 BC C . -3.51 -0.27 -1.52
HO13 BC C . -5.10 1.25 -1.58
H142 BC C . -1.98 1.98 -0.24
C1 BC C . 0.73 2.64 -0.19
C2 BC C . 1.56 3.70 -0.52
C3 BC C . 2.89 3.45 -0.84
C4 BC C . 3.36 2.15 -0.76
C4A BC C . 2.53 1.05 -0.40
C4B BC C . 3.02 -0.26 -0.31
C5 BC C . 4.37 -0.54 -0.61
C6 BC C . 4.85 -1.82 -0.58
C7 BC C . 4.08 -2.86 -0.19
C8 BC C . 2.75 -2.65 0.17
C8A BC C . 2.18 -1.34 0.09
C8B BC C . 0.80 -1.11 0.34
C9 BC C . -0.02 -2.18 0.78
C10 BC C . -1.38 -1.99 1.01
CAA BC C . -1.99 -0.78 0.72
C11 BC C . -3.48 -0.73 0.90
O11 BC C . -4.15 -1.71 0.10
C12 BC C . -3.98 0.63 0.64
O12 BC C . -3.65 1.57 1.67
C13 BC C . -3.50 1.02 -0.69
O13 BC C . -4.29 2.09 -1.22
C14 BC C . -2.04 1.33 -0.60
CEA BC C . -1.22 0.31 0.25
CEB BC C . 0.23 0.19 0.15
CEC BC C . 1.13 1.29 -0.15
H1 BC C . -0.26 2.94 0.05
H2 BC C . 1.17 4.71 -0.54
H3 BC C . 3.52 4.27 -1.12
H4 BC C . 4.42 1.99 -0.99
H5 BC C . 5.06 0.23 -0.89
H6 BC C . 5.86 -2.01 -0.88
H7 BC C . 4.53 -3.83 -0.21
H8 BC C . 2.20 -3.52 0.45
H9 BC C . 0.40 -3.15 0.97
H10 BC C . -2.04 -2.75 1.38
H11 BC C . -3.80 -0.92 1.92
HO11 BC C . -3.93 -2.56 0.48
H12 BC C . -5.04 0.51 0.65
HO12 BC C . -2.71 1.72 1.60
H13 BC C . -3.66 0.13 -1.30
HO13 BC C . -4.01 2.88 -0.75
H142 BC C . -1.98 2.28 -0.04
C1 BC C . 0.68 2.38 0.01
C2 BC C . 1.53 3.41 -0.38
C3 BC C . 2.84 3.12 -0.71
C4 BC C . 3.29 1.80 -0.60
C4A BC C . 2.43 0.74 -0.19
C4B BC C . 2.90 -0.59 -0.08
C5 BC C . 4.24 -0.91 -0.39
C6 BC C . 4.70 -2.20 -0.36
C7 BC C . 3.90 -3.22 0.05
C8 BC C . 2.59 -2.96 0.43
C8A BC C . 2.04 -1.64 0.36
C8B BC C . 0.68 -1.37 0.63
C9 BC C . -0.16 -2.39 1.13
C10 BC C . -1.49 -2.16 1.40
CAA BC C . -2.07 -0.95 1.11
C11 BC C . -3.55 -0.84 1.35
O11 BC C . -4.29 -1.86 0.66
C12 BC C . -4.04 0.50 1.01
O12 BC C . -3.67 1.51 1.97
C13 BC C . -3.57 0.77 -0.36
O13 BC C . -4.39 1.75 -1.00
C14 BC C . -2.12 1.11 -0.31
CEA BC C . -1.30 0.11 0.56
CEB BC C . 0.14 -0.05 0.42
CEC BC C . 1.05 1.01 0.08
H1 BC C . -0.31 2.71 0.26
H2 BC C . 1.16 4.43 -0.43
H3 BC C . 3.49 3.91 -1.03
H4 BC C . 4.33 1.62 -0.85
H5 BC C . 4.94 -0.16 -0.68
H6 BC C . 5.70 -2.42 -0.66
H7 BC C . 4.32 -4.20 0.03
H8 BC C . 2.01 -3.82 0.73
H9 BC C . 0.25 -3.38 1.34
H10 BC C . -2.16 -2.89 1.82
H11 BC C . -3.82 -0.97 2.40
HO11 BC C . -5.21 -1.75 0.91
H12 BC C . -5.11 0.41 1.07
HO12 BC C . -4.00 1.21 2.82
H13 BC C . -3.71 -0.18 -0.90
HO13 BC C . -4.09 2.60 -0.66
H142 BC C . -2.04 2.08 0.23
C1 BC C . 0.45 2.30 -0.05
C2 BC C . 1.28 3.37 -0.35
C3 BC C . 2.60 3.14 -0.64
C4 BC C . 3.11 1.85 -0.59
C4A BC C . 2.28 0.74 -0.26
C4B BC C . 2.81 -0.57 -0.19
C5 BC C . 4.15 -0.82 -0.50
C6 BC C . 4.66 -2.08 -0.49
C7 BC C . 3.90 -3.15 -0.11
C8 BC C . 2.58 -2.95 0.28
C8A BC C . 1.98 -1.67 0.21
C8B BC C . 0.60 -1.46 0.45
C9 BC C . -0.20 -2.53 0.89
C10 BC C . -1.55 -2.37 1.12
CAA BC C . -2.17 -1.18 0.81
C11 BC C . -3.67 -1.15 1.00
O11 BC C . -4.33 -2.16 0.22
C12 BC C . -4.20 0.20 0.70
O12 BC C . -3.91 1.16 1.72
C13 BC C . -3.73 0.56 -0.63
O13 BC C . -4.53 1.59 -1.21
C14 BC C . -2.27 0.91 -0.54
CEA BC C . -1.44 -0.07 0.33
CEB BC C . 0.00 -0.16 0.26
CEC BC C . 0.89 0.95 -0.02
H1 BC C . -0.55 2.58 0.17
H2 BC C . 0.87 4.36 -0.38
H3 BC C . 3.23 3.97 -0.91
H4 BC C . 4.16 1.72 -0.80
H5 BC C . 4.83 -0.04 -0.79
H6 BC C . 5.65 -2.26 -0.81
H7 BC C . 4.36 -4.09 -0.15
H8 BC C . 2.04 -3.84 0.54
H9 BC C . 0.24 -3.51 1.08
H10 BC C . -2.19 -3.14 1.49
H11 BC C . -3.96 -1.33 2.02
HO11 BC C . -5.26 -2.13 0.48
H12 BC C . -5.25 0.05 0.73
HO12 BC C . -2.95 1.24 1.74
H13 BC C . -3.86 -0.35 -1.21
HO13 BC C . -4.18 2.42 -0.91
H142 BC C . -2.25 1.86 0.00
C1 BC C . 0.62 2.66 -0.20
C2 BC C . 1.40 3.76 -0.52
C3 BC C . 2.73 3.56 -0.84
C4 BC C . 3.26 2.27 -0.79
C4A BC C . 2.47 1.16 -0.44
C4B BC C . 3.03 -0.14 -0.36
C5 BC C . 4.38 -0.36 -0.68
C6 BC C . 4.93 -1.62 -0.66
C7 BC C . 4.19 -2.69 -0.24
C8 BC C . 2.87 -2.52 0.14
C8A BC C . 2.22 -1.26 0.05
C8B BC C . 0.84 -1.09 0.30
C9 BC C . 0.06 -2.18 0.73
C10 BC C . -1.31 -2.06 0.94
CAA BC C . -1.96 -0.89 0.65
C11 BC C . -3.47 -0.91 0.83
O11 BC C . -4.12 -1.87 0.00
C12 BC C . -4.01 0.46 0.65
O12 BC C . -3.70 1.36 1.71
C13 BC C . -3.58 0.91 -0.69
O13 BC C . -4.38 1.99 -1.14
C14 BC C . -2.12 1.23 -0.64
CEA BC C . -1.25 0.24 0.19
CEB BC C . 0.20 0.20 0.10
CEC BC C . 1.07 1.33 -0.18
H1 BC C . -0.39 2.91 0.03
H2 BC C . 0.96 4.74 -0.53
H3 BC C . 3.33 4.41 -1.12
H4 BC C . 4.31 2.17 -1.01
H5 BC C . 5.04 0.42 -0.97
H6 BC C . 5.92 -1.78 -0.98
H7 BC C . 4.67 -3.64 -0.27
H8 BC C . 2.35 -3.43 0.42
H9 BC C . 0.52 -3.15 0.91
H10 BC C . -1.93 -2.87 1.29
H11 BC C . -3.79 -1.15 1.85
HO11 BC C . -5.02 -1.92 0.31
H12 BC C . -5.07 0.30 0.64
HO12 BC C . -4.17 2.17 1.52
H13 BC C . -3.77 0.04 -1.34
HO13 BC C . -3.89 2.80 -0.96
H142 BC C . -2.07 2.17 -0.07
C1 BC C . 0.63 2.32 -0.11
C2 BC C . 1.52 3.36 -0.34
C3 BC C . 2.84 3.07 -0.57
C4 BC C . 3.28 1.75 -0.54
C4A BC C . 2.36 0.67 -0.29
C4B BC C . 2.80 -0.67 -0.25
C5 BC C . 4.15 -0.99 -0.49
C6 BC C . 4.58 -2.29 -0.53
C7 BC C . 3.73 -3.32 -0.26
C8 BC C . 2.40 -3.06 0.05
C8A BC C . 1.89 -1.73 0.03
C8B BC C . 0.51 -1.45 0.21
C9 BC C . -0.39 -2.49 0.52
C10 BC C . -1.75 -2.25 0.65
CAA BC C . -2.28 -1.01 0.37
C11 BC C . -3.79 -0.90 0.40
O11 BC C . -4.43 -1.84 -0.48
C12 BC C . -4.22 0.48 0.13
O12 BC C . -4.00 1.38 1.22
C13 BC C . -3.59 0.89 -1.13
O13 BC C . -4.26 2.01 -1.72
C14 BC C . -2.14 1.14 -0.86
CEA BC C . -1.44 0.07 0.02
CEB BC C . 0.01 -0.11 0.04
CEC BC C . 0.97 0.95 -0.13
H1 BC C . -0.38 2.63 0.06
H2 BC C . 1.16 4.38 -0.34
H3 BC C . 3.52 3.88 -0.79
H4 BC C . 4.32 1.56 -0.70
H5 BC C . 4.90 -0.24 -0.70
H6 BC C . 5.57 -2.52 -0.80
H7 BC C . 4.13 -4.30 -0.33
H8 BC C . 1.79 -3.92 0.23
H9 BC C . -0.03 -3.50 0.67
H10 BC C . -2.48 -3.00 0.91
H11 BC C . -4.22 -1.12 1.39
HO11 BC C . -5.37 -1.79 -0.29
H12 BC C . -5.29 0.39 0.02
HO12 BC C . -4.28 2.24 0.89
H13 BC C . -3.71 0.02 -1.78
HO13 BC C . -3.64 2.39 -2.34
H142 BC C . -2.12 2.07 -0.26
#